data_1ELJ
#
_entry.id   1ELJ
#
_cell.length_a   61.118
_cell.length_b   68.832
_cell.length_c   127.726
_cell.angle_alpha   90.00
_cell.angle_beta   90.00
_cell.angle_gamma   90.00
#
_symmetry.space_group_name_H-M   'P 21 21 21'
#
loop_
_entity.id
_entity.type
_entity.pdbx_description
1 polymer 'MALTODEXTRIN-BINDING PROTEIN'
2 branched alpha-D-glucopyranose-(1-4)-alpha-D-glucopyranose-(1-4)-alpha-D-glucopyranose
3 non-polymer 'SULFATE ION'
4 water water
#
_entity_poly.entity_id   1
_entity_poly.type   'polypeptide(L)'
_entity_poly.pdbx_seq_one_letter_code
;MKIEEGKVVIWHAMQPNELEVFQSLAEEYMAL(CME)PEVEIVFEQKPNLEDALKAAIPTGQGPDLFIWAHDWIGKFAEA
GLLEPIDEYVTEDLLNEFAPMAQDAMQYKGHYYALPFAAETVAIIYNKEMVSEPPKTFDEMKAIMEKYYDPANEKYGIAW
PINAYFISAIAQAFGGYYFDDKTEQPGLDKPETIEGFKFFFTEIWPYMAPTGDYNTQQSIFLEGRAPMMVNGPWSINDVK
KAGINFGVVPLPPIIKDGKEYWPRPYGGVKLIYFAAGIKNKDAAWKFAKWLTTSEESIKTLALELGYIPVLTKVLDDPEI
KNDPVIYGFGQAVQHAYLMPKSPKMSAVWGGVDGAINEILQDPQNADIEGILKKYQQEILNNMQG
;
_entity_poly.pdbx_strand_id   A
#
# COMPACT_ATOMS: atom_id res chain seq x y z
N MET A 1 21.87 0.99 37.43
CA MET A 1 20.82 1.74 36.75
C MET A 1 21.36 2.29 35.42
N LYS A 2 20.44 2.58 34.50
CA LYS A 2 20.90 2.93 33.17
C LYS A 2 19.86 3.67 32.33
N ILE A 3 20.33 3.97 31.11
CA ILE A 3 19.49 4.55 30.08
C ILE A 3 19.42 3.63 28.87
N GLU A 4 18.46 3.85 27.99
CA GLU A 4 18.50 3.12 26.72
C GLU A 4 19.67 3.66 25.90
N GLU A 5 20.53 2.77 25.39
CA GLU A 5 21.60 3.31 24.56
C GLU A 5 21.63 2.63 23.19
N GLY A 6 22.51 3.15 22.36
CA GLY A 6 22.92 2.56 21.13
C GLY A 6 22.02 2.79 19.93
N LYS A 7 21.96 1.72 19.14
CA LYS A 7 21.40 1.78 17.81
C LYS A 7 20.06 1.05 17.69
N VAL A 8 19.25 1.61 16.79
CA VAL A 8 18.02 1.00 16.32
C VAL A 8 18.07 0.91 14.78
N VAL A 9 18.19 -0.33 14.31
CA VAL A 9 18.26 -0.64 12.88
C VAL A 9 16.89 -1.03 12.33
N ILE A 10 16.50 -0.29 11.28
CA ILE A 10 15.17 -0.47 10.72
C ILE A 10 15.21 -0.84 9.25
N TRP A 11 14.73 -2.04 8.89
CA TRP A 11 14.77 -2.39 7.47
C TRP A 11 13.51 -1.91 6.76
N HIS A 12 13.64 -1.60 5.47
CA HIS A 12 12.51 -1.06 4.75
C HIS A 12 12.73 -1.17 3.26
N ALA A 13 11.67 -0.91 2.52
CA ALA A 13 11.72 -0.96 1.06
C ALA A 13 11.22 0.34 0.45
N MET A 14 11.36 1.44 1.16
CA MET A 14 10.99 2.76 0.65
C MET A 14 11.99 3.29 -0.37
N GLN A 15 11.50 3.97 -1.40
CA GLN A 15 12.45 4.63 -2.32
C GLN A 15 12.97 5.91 -1.71
N PRO A 16 14.06 6.47 -2.22
CA PRO A 16 14.70 7.62 -1.57
C PRO A 16 13.78 8.78 -1.23
N ASN A 17 12.87 9.20 -2.12
CA ASN A 17 12.06 10.38 -1.80
C ASN A 17 11.06 10.08 -0.69
N GLU A 18 10.52 8.87 -0.61
CA GLU A 18 9.66 8.58 0.55
C GLU A 18 10.52 8.52 1.80
N LEU A 19 11.68 7.87 1.69
CA LEU A 19 12.56 7.72 2.85
C LEU A 19 12.96 9.06 3.45
N GLU A 20 13.14 10.10 2.61
CA GLU A 20 13.61 11.37 3.13
C GLU A 20 12.72 11.87 4.28
N VAL A 21 11.41 11.69 4.09
CA VAL A 21 10.44 12.13 5.11
C VAL A 21 10.69 11.38 6.39
N PHE A 22 10.84 10.05 6.27
CA PHE A 22 11.11 9.23 7.45
C PHE A 22 12.47 9.55 8.08
N GLN A 23 13.47 9.84 7.26
CA GLN A 23 14.78 10.17 7.83
C GLN A 23 14.75 11.50 8.56
N SER A 24 13.99 12.48 8.05
CA SER A 24 13.96 13.73 8.82
C SER A 24 13.29 13.50 10.17
N LEU A 25 12.36 12.56 10.26
CA LEU A 25 11.72 12.29 11.56
C LEU A 25 12.72 11.61 12.50
N ALA A 26 13.52 10.70 11.94
CA ALA A 26 14.55 10.03 12.73
C ALA A 26 15.53 11.04 13.33
N GLU A 27 15.80 12.08 12.53
CA GLU A 27 16.79 13.09 12.92
C GLU A 27 16.23 13.94 14.04
N GLU A 28 14.95 14.32 13.92
CA GLU A 28 14.26 14.91 15.04
C GLU A 28 14.39 14.01 16.26
N TYR A 29 14.12 12.71 16.06
CA TYR A 29 14.12 11.88 17.27
C TYR A 29 15.52 11.87 17.88
N MET A 30 16.54 11.81 17.04
CA MET A 30 17.90 11.71 17.57
C MET A 30 18.28 13.04 18.23
N ALA A 31 17.56 14.11 17.88
CA ALA A 31 17.78 15.41 18.52
C ALA A 31 17.16 15.39 19.91
N LEU A 32 16.06 14.64 20.02
CA LEU A 32 15.37 14.48 21.29
C LEU A 32 16.10 13.52 22.23
N PRO A 34 19.77 12.19 22.12
CA PRO A 34 21.10 12.12 21.51
C PRO A 34 21.84 10.82 21.79
N GLU A 35 21.42 9.95 22.70
CA GLU A 35 22.19 8.72 22.91
C GLU A 35 21.68 7.55 22.09
N VAL A 36 20.83 7.80 21.10
CA VAL A 36 20.19 6.71 20.35
C VAL A 36 20.34 6.93 18.85
N GLU A 37 20.94 5.98 18.15
CA GLU A 37 21.10 6.20 16.70
C GLU A 37 20.00 5.44 15.97
N ILE A 38 19.28 6.13 15.09
CA ILE A 38 18.25 5.46 14.30
C ILE A 38 18.82 5.17 12.92
N VAL A 39 18.90 3.89 12.53
CA VAL A 39 19.49 3.61 11.22
C VAL A 39 18.53 2.90 10.28
N PHE A 40 18.25 3.53 9.15
CA PHE A 40 17.39 2.92 8.14
C PHE A 40 18.24 2.18 7.09
N GLU A 41 17.85 0.95 6.75
CA GLU A 41 18.56 0.19 5.72
C GLU A 41 17.56 -0.40 4.72
N GLN A 42 17.71 0.01 3.48
CA GLN A 42 16.93 -0.39 2.34
C GLN A 42 17.27 -1.80 1.87
N LYS A 43 16.24 -2.59 1.63
CA LYS A 43 16.35 -3.96 1.13
C LYS A 43 15.53 -4.07 -0.15
N PRO A 44 16.15 -4.49 -1.24
CA PRO A 44 15.45 -4.68 -2.52
C PRO A 44 14.25 -5.61 -2.40
N ASN A 45 14.48 -6.76 -1.76
CA ASN A 45 13.45 -7.76 -1.55
C ASN A 45 13.24 -7.94 -0.05
N LEU A 46 12.55 -6.98 0.55
CA LEU A 46 12.51 -6.88 2.00
C LEU A 46 11.94 -8.14 2.62
N GLU A 47 10.87 -8.70 2.05
CA GLU A 47 10.27 -9.88 2.68
C GLU A 47 11.25 -11.06 2.69
N ASP A 48 11.89 -11.29 1.55
CA ASP A 48 12.94 -12.28 1.39
C ASP A 48 14.12 -12.03 2.33
N ALA A 49 14.59 -10.80 2.41
CA ALA A 49 15.73 -10.44 3.27
C ALA A 49 15.43 -10.71 4.72
N LEU A 50 14.19 -10.41 5.14
CA LEU A 50 13.85 -10.63 6.55
C LEU A 50 13.75 -12.11 6.88
N LYS A 51 13.13 -12.88 5.99
CA LYS A 51 12.92 -14.30 6.22
C LYS A 51 14.24 -15.02 6.40
N ALA A 52 15.23 -14.51 5.68
CA ALA A 52 16.53 -15.17 5.66
C ALA A 52 17.42 -14.72 6.82
N ALA A 53 17.33 -13.45 7.20
CA ALA A 53 18.28 -12.87 8.13
C ALA A 53 17.81 -12.98 9.58
N ILE A 54 16.51 -12.77 9.77
CA ILE A 54 15.95 -12.83 11.11
C ILE A 54 16.31 -14.12 11.85
N PRO A 55 16.09 -15.30 11.29
CA PRO A 55 16.36 -16.51 12.06
C PRO A 55 17.84 -16.68 12.39
N THR A 56 18.75 -16.15 11.57
CA THR A 56 20.17 -16.34 11.81
C THR A 56 20.79 -15.30 12.73
N GLY A 57 19.99 -14.44 13.35
CA GLY A 57 20.55 -13.39 14.19
C GLY A 57 21.13 -12.24 13.39
N GLN A 58 20.93 -12.27 12.08
CA GLN A 58 21.45 -11.18 11.27
C GLN A 58 20.36 -10.16 10.90
N GLY A 59 19.18 -10.23 11.51
CA GLY A 59 18.19 -9.25 11.08
C GLY A 59 18.18 -7.98 11.90
N PRO A 60 17.24 -7.08 11.59
CA PRO A 60 17.23 -5.73 12.16
C PRO A 60 16.46 -5.67 13.46
N ASP A 61 16.31 -4.48 14.06
CA ASP A 61 15.48 -4.41 15.28
C ASP A 61 14.01 -4.28 14.88
N LEU A 62 13.79 -3.46 13.87
CA LEU A 62 12.46 -3.16 13.35
C LEU A 62 12.40 -3.24 11.83
N PHE A 63 11.20 -3.33 11.25
CA PHE A 63 11.09 -3.11 9.81
C PHE A 63 9.69 -2.53 9.51
N ILE A 64 9.56 -1.87 8.38
CA ILE A 64 8.32 -1.23 8.01
C ILE A 64 7.67 -1.92 6.81
N TRP A 65 6.39 -2.26 6.98
CA TRP A 65 5.59 -2.67 5.85
C TRP A 65 4.11 -2.52 6.18
N ALA A 66 3.24 -2.68 5.20
CA ALA A 66 1.80 -2.85 5.43
C ALA A 66 1.52 -4.07 6.31
N HIS A 67 0.34 -4.10 6.91
CA HIS A 67 0.02 -5.03 7.97
C HIS A 67 -0.13 -6.47 7.52
N ASP A 68 -0.26 -6.77 6.23
CA ASP A 68 -0.71 -8.13 5.89
C ASP A 68 0.38 -9.18 6.09
N TRP A 69 1.62 -8.78 6.34
CA TRP A 69 2.64 -9.80 6.67
C TRP A 69 2.52 -10.31 8.09
N ILE A 70 1.76 -9.64 8.95
CA ILE A 70 1.88 -9.93 10.39
C ILE A 70 1.47 -11.37 10.71
N GLY A 71 0.47 -11.93 10.02
CA GLY A 71 0.07 -13.31 10.26
C GLY A 71 1.18 -14.29 9.93
N LYS A 72 1.60 -14.29 8.65
CA LYS A 72 2.61 -15.28 8.28
C LYS A 72 3.93 -15.05 8.99
N PHE A 73 4.38 -13.81 9.20
CA PHE A 73 5.62 -13.62 9.95
C PHE A 73 5.52 -14.14 11.38
N ALA A 74 4.39 -13.86 12.03
CA ALA A 74 4.27 -14.40 13.38
C ALA A 74 4.20 -15.92 13.33
N GLU A 75 3.56 -16.51 12.33
CA GLU A 75 3.49 -17.97 12.38
C GLU A 75 4.87 -18.55 12.17
N ALA A 76 5.72 -17.78 11.50
CA ALA A 76 7.07 -18.30 11.25
C ALA A 76 8.00 -17.95 12.39
N GLY A 77 7.48 -17.30 13.43
CA GLY A 77 8.33 -16.97 14.57
C GLY A 77 9.30 -15.87 14.24
N LEU A 78 8.96 -15.03 13.24
CA LEU A 78 9.91 -13.99 12.87
C LEU A 78 9.66 -12.67 13.57
N LEU A 79 8.63 -12.60 14.40
CA LEU A 79 8.39 -11.32 15.07
C LEU A 79 8.64 -11.41 16.56
N GLU A 80 8.85 -10.24 17.15
CA GLU A 80 9.00 -10.15 18.61
C GLU A 80 7.73 -9.61 19.24
N PRO A 81 7.14 -10.29 20.20
CA PRO A 81 5.89 -9.78 20.78
C PRO A 81 6.20 -8.61 21.71
N ILE A 82 5.30 -7.64 21.75
CA ILE A 82 5.45 -6.43 22.55
C ILE A 82 4.25 -6.25 23.49
N ASP A 83 3.61 -7.36 23.86
CA ASP A 83 2.46 -7.38 24.73
C ASP A 83 2.66 -6.65 26.06
N GLU A 84 3.85 -6.77 26.61
CA GLU A 84 4.28 -6.10 27.83
C GLU A 84 4.34 -4.59 27.70
N TYR A 85 4.45 -4.10 26.46
CA TYR A 85 4.47 -2.65 26.25
C TYR A 85 3.09 -2.10 25.91
N VAL A 86 2.17 -2.95 25.45
CA VAL A 86 0.87 -2.44 25.00
C VAL A 86 -0.12 -2.37 26.15
N THR A 87 -0.84 -1.25 26.22
CA THR A 87 -1.80 -0.99 27.29
C THR A 87 -3.11 -0.50 26.67
N GLU A 88 -4.19 -0.58 27.43
CA GLU A 88 -5.44 -0.06 26.86
C GLU A 88 -5.32 1.41 26.52
N ASP A 89 -4.60 2.16 27.36
CA ASP A 89 -4.50 3.60 27.09
C ASP A 89 -3.82 3.86 25.75
N LEU A 90 -2.80 3.05 25.47
CA LEU A 90 -2.10 3.17 24.18
C LEU A 90 -2.99 2.76 23.02
N LEU A 91 -3.61 1.59 23.16
CA LEU A 91 -4.52 1.07 22.13
C LEU A 91 -5.59 2.10 21.81
N ASN A 92 -6.12 2.71 22.86
CA ASN A 92 -7.20 3.68 22.64
C ASN A 92 -6.74 4.92 21.88
N GLU A 93 -5.44 5.10 21.69
CA GLU A 93 -4.97 6.23 20.87
C GLU A 93 -5.16 5.98 19.38
N PHE A 94 -5.42 4.72 19.02
CA PHE A 94 -5.48 4.37 17.61
C PHE A 94 -6.89 4.03 17.13
N ALA A 95 -7.15 4.23 15.84
CA ALA A 95 -8.37 3.71 15.26
C ALA A 95 -8.43 2.20 15.40
N PRO A 96 -9.64 1.68 15.56
CA PRO A 96 -9.86 0.27 15.86
C PRO A 96 -9.19 -0.62 14.81
N MET A 97 -9.35 -0.29 13.54
CA MET A 97 -8.72 -1.16 12.54
C MET A 97 -7.20 -1.12 12.65
N ALA A 98 -6.63 -0.02 13.15
CA ALA A 98 -5.18 -0.02 13.39
C ALA A 98 -4.88 -0.87 14.62
N GLN A 99 -5.80 -0.79 15.58
CA GLN A 99 -5.68 -1.60 16.79
C GLN A 99 -5.62 -3.09 16.43
N ASP A 100 -6.44 -3.45 15.45
CA ASP A 100 -6.53 -4.85 15.06
C ASP A 100 -5.42 -5.26 14.11
N ALA A 101 -4.98 -4.33 13.26
CA ALA A 101 -3.89 -4.64 12.35
C ALA A 101 -2.58 -4.93 13.07
N MET A 102 -2.36 -4.36 14.24
CA MET A 102 -1.06 -4.46 14.90
C MET A 102 -0.89 -5.73 15.73
N GLN A 103 -1.87 -6.63 15.71
CA GLN A 103 -1.78 -7.87 16.48
C GLN A 103 -2.19 -9.06 15.62
N TYR A 104 -1.73 -10.23 16.06
CA TYR A 104 -2.14 -11.47 15.42
C TYR A 104 -2.31 -12.56 16.49
N LYS A 105 -3.50 -13.13 16.47
CA LYS A 105 -3.96 -14.12 17.44
C LYS A 105 -3.59 -13.73 18.85
N GLY A 106 -3.82 -12.47 19.24
CA GLY A 106 -3.71 -12.25 20.67
C GLY A 106 -2.40 -11.63 21.08
N HIS A 107 -1.43 -11.56 20.17
CA HIS A 107 -0.17 -10.93 20.50
C HIS A 107 0.08 -9.70 19.62
N TYR A 108 0.62 -8.65 20.22
CA TYR A 108 0.99 -7.42 19.55
C TYR A 108 2.41 -7.57 19.02
N TYR A 109 2.69 -7.07 17.82
CA TYR A 109 4.02 -7.23 17.25
C TYR A 109 4.47 -5.96 16.56
N ALA A 110 3.65 -4.91 16.64
CA ALA A 110 3.96 -3.70 15.89
C ALA A 110 3.19 -2.49 16.42
N LEU A 111 3.52 -1.32 15.90
CA LEU A 111 2.73 -0.10 16.10
C LEU A 111 2.32 0.43 14.73
N PRO A 112 1.11 0.94 14.61
CA PRO A 112 0.62 1.44 13.33
C PRO A 112 0.82 2.92 13.12
N PHE A 113 1.08 3.38 11.88
CA PHE A 113 1.28 4.82 11.67
C PHE A 113 0.42 5.36 10.54
N ALA A 114 -0.26 4.56 9.74
CA ALA A 114 -1.08 5.15 8.68
C ALA A 114 -2.05 4.14 8.09
N ALA A 115 -3.06 4.70 7.41
CA ALA A 115 -3.87 3.89 6.49
C ALA A 115 -3.54 4.29 5.05
N GLU A 116 -3.74 3.39 4.11
CA GLU A 116 -3.33 3.65 2.75
C GLU A 116 -4.07 2.75 1.78
N THR A 117 -4.09 3.22 0.52
CA THR A 117 -4.54 2.49 -0.64
C THR A 117 -4.08 3.23 -1.89
N VAL A 118 -4.43 2.74 -3.08
CA VAL A 118 -4.08 3.50 -4.28
C VAL A 118 -5.29 4.33 -4.71
N ALA A 119 -5.03 5.43 -5.38
CA ALA A 119 -6.07 6.35 -5.84
C ALA A 119 -5.58 6.99 -7.14
N ILE A 120 -6.46 7.72 -7.82
CA ILE A 120 -6.01 8.53 -8.93
C ILE A 120 -5.37 9.81 -8.41
N ILE A 121 -4.11 9.92 -8.77
CA ILE A 121 -3.29 11.10 -8.57
C ILE A 121 -3.29 11.79 -9.93
N TYR A 122 -3.82 13.01 -10.00
CA TYR A 122 -3.95 13.62 -11.33
C TYR A 122 -3.24 14.96 -11.37
N ASN A 123 -2.74 15.26 -12.56
CA ASN A 123 -1.95 16.46 -12.75
C ASN A 123 -2.91 17.61 -13.10
N LYS A 124 -2.98 18.60 -12.20
CA LYS A 124 -3.99 19.64 -12.38
C LYS A 124 -3.71 20.49 -13.60
N GLU A 125 -2.50 20.43 -14.16
CA GLU A 125 -2.34 21.27 -15.36
C GLU A 125 -2.87 20.52 -16.56
N MET A 126 -3.17 19.23 -16.40
CA MET A 126 -3.69 18.51 -17.56
C MET A 126 -5.14 18.12 -17.39
N VAL A 127 -5.59 18.05 -16.14
CA VAL A 127 -6.97 17.64 -15.85
C VAL A 127 -7.62 18.64 -14.90
N SER A 128 -8.58 19.43 -15.35
CA SER A 128 -9.17 20.42 -14.45
C SER A 128 -10.34 19.85 -13.66
N GLU A 129 -11.00 18.83 -14.20
CA GLU A 129 -12.00 18.15 -13.36
C GLU A 129 -11.75 16.65 -13.40
N PRO A 130 -11.37 16.09 -12.26
CA PRO A 130 -11.08 14.66 -12.21
C PRO A 130 -12.33 13.84 -12.46
N PRO A 131 -12.18 12.60 -12.91
CA PRO A 131 -13.35 11.82 -13.33
C PRO A 131 -14.17 11.26 -12.19
N LYS A 132 -15.50 11.37 -12.33
CA LYS A 132 -16.40 10.89 -11.28
C LYS A 132 -17.11 9.61 -11.71
N THR A 133 -16.88 9.23 -12.98
CA THR A 133 -17.33 7.96 -13.49
C THR A 133 -16.21 7.36 -14.37
N PHE A 134 -16.25 6.06 -14.64
CA PHE A 134 -15.25 5.51 -15.55
C PHE A 134 -15.36 6.13 -16.94
N ASP A 135 -16.57 6.53 -17.35
CA ASP A 135 -16.67 7.16 -18.67
C ASP A 135 -15.84 8.43 -18.76
N GLU A 136 -15.90 9.27 -17.70
CA GLU A 136 -15.10 10.48 -17.78
C GLU A 136 -13.62 10.14 -17.71
N MET A 137 -13.31 9.09 -16.94
CA MET A 137 -11.90 8.67 -16.91
C MET A 137 -11.44 8.23 -18.29
N LYS A 138 -12.25 7.40 -18.94
CA LYS A 138 -11.85 6.97 -20.27
C LYS A 138 -11.71 8.13 -21.23
N ALA A 139 -12.59 9.14 -21.16
CA ALA A 139 -12.40 10.24 -22.10
C ALA A 139 -11.11 10.99 -21.83
N ILE A 140 -10.74 11.13 -20.55
CA ILE A 140 -9.46 11.78 -20.30
C ILE A 140 -8.35 10.90 -20.90
N MET A 141 -8.51 9.59 -20.78
CA MET A 141 -7.43 8.70 -21.26
C MET A 141 -7.27 8.87 -22.76
N GLU A 142 -8.40 8.84 -23.46
CA GLU A 142 -8.46 9.04 -24.89
C GLU A 142 -7.86 10.37 -25.31
N LYS A 143 -8.15 11.42 -24.55
CA LYS A 143 -7.65 12.73 -24.91
C LYS A 143 -6.13 12.81 -24.94
N TYR A 144 -5.50 12.11 -23.99
CA TYR A 144 -4.04 12.20 -23.86
C TYR A 144 -3.24 11.09 -24.51
N TYR A 145 -3.88 10.00 -24.92
CA TYR A 145 -3.14 8.86 -25.43
C TYR A 145 -2.47 9.19 -26.76
N ASP A 146 -1.15 9.11 -26.85
CA ASP A 146 -0.44 9.43 -28.10
C ASP A 146 0.95 8.78 -28.03
N PRO A 147 0.96 7.45 -28.10
CA PRO A 147 2.22 6.71 -27.94
C PRO A 147 3.26 7.16 -28.96
N ALA A 148 2.82 7.61 -30.14
CA ALA A 148 3.77 8.08 -31.15
C ALA A 148 4.64 9.20 -30.60
N ASN A 149 4.07 9.96 -29.67
CA ASN A 149 4.82 11.05 -29.06
C ASN A 149 5.12 10.73 -27.61
N GLU A 150 5.06 9.44 -27.29
CA GLU A 150 5.34 8.93 -25.96
C GLU A 150 4.43 9.54 -24.89
N LYS A 151 3.19 9.77 -25.25
CA LYS A 151 2.16 10.26 -24.34
C LYS A 151 1.11 9.18 -24.14
N TYR A 152 0.67 8.98 -22.91
CA TYR A 152 -0.26 7.89 -22.59
C TYR A 152 -1.48 8.40 -21.83
N GLY A 153 -2.54 7.60 -21.76
CA GLY A 153 -3.74 8.12 -21.12
C GLY A 153 -3.72 7.98 -19.61
N ILE A 154 -2.97 6.98 -19.14
CA ILE A 154 -2.80 6.82 -17.69
C ILE A 154 -1.50 6.10 -17.33
N ALA A 155 -0.99 6.34 -16.15
CA ALA A 155 0.16 5.59 -15.61
C ALA A 155 -0.31 4.68 -14.49
N TRP A 156 0.06 3.40 -14.55
CA TRP A 156 -0.45 2.42 -13.59
C TRP A 156 0.48 1.22 -13.45
N PRO A 157 1.29 1.20 -12.38
CA PRO A 157 2.11 0.02 -12.11
C PRO A 157 1.23 -1.23 -12.04
N ILE A 158 1.64 -2.34 -12.64
CA ILE A 158 0.75 -3.51 -12.65
C ILE A 158 1.29 -4.65 -11.79
N ASN A 159 0.49 -5.07 -10.82
CA ASN A 159 0.76 -6.27 -10.04
C ASN A 159 -0.53 -6.64 -9.28
N ALA A 160 -0.53 -7.72 -8.51
CA ALA A 160 -1.75 -8.16 -7.85
C ALA A 160 -2.44 -7.01 -7.11
N TYR A 161 -1.72 -6.35 -6.20
CA TYR A 161 -2.36 -5.27 -5.44
C TYR A 161 -2.78 -4.09 -6.29
N PHE A 162 -1.91 -3.68 -7.24
CA PHE A 162 -2.17 -2.45 -7.96
C PHE A 162 -3.41 -2.54 -8.84
N ILE A 163 -3.74 -3.70 -9.39
CA ILE A 163 -4.96 -3.70 -10.22
C ILE A 163 -6.15 -4.34 -9.49
N SER A 164 -6.04 -4.60 -8.19
CA SER A 164 -7.13 -5.25 -7.46
C SER A 164 -8.42 -4.43 -7.50
N ALA A 165 -8.31 -3.11 -7.56
CA ALA A 165 -9.48 -2.25 -7.59
C ALA A 165 -10.45 -2.65 -8.70
N ILE A 166 -9.84 -2.84 -9.87
CA ILE A 166 -10.62 -3.11 -11.08
C ILE A 166 -11.00 -4.58 -11.08
N ALA A 167 -10.05 -5.45 -10.72
CA ALA A 167 -10.39 -6.86 -10.63
C ALA A 167 -11.61 -7.11 -9.74
N GLN A 168 -11.74 -6.25 -8.72
CA GLN A 168 -12.77 -6.43 -7.73
C GLN A 168 -13.91 -5.45 -7.90
N ALA A 169 -14.04 -4.77 -9.04
CA ALA A 169 -15.08 -3.75 -9.15
C ALA A 169 -16.50 -4.29 -9.28
N PHE A 170 -16.61 -5.54 -9.74
CA PHE A 170 -17.94 -6.04 -10.07
C PHE A 170 -18.42 -7.08 -9.09
N GLY A 171 -17.99 -7.00 -7.83
CA GLY A 171 -18.30 -8.00 -6.84
C GLY A 171 -17.31 -9.15 -6.78
N GLY A 172 -16.26 -9.12 -7.59
CA GLY A 172 -15.23 -10.14 -7.48
C GLY A 172 -14.28 -9.95 -6.31
N TYR A 173 -13.47 -10.95 -5.99
CA TYR A 173 -12.50 -10.85 -4.92
C TYR A 173 -11.32 -11.79 -5.15
N TYR A 174 -10.11 -11.35 -4.79
CA TYR A 174 -9.00 -12.28 -4.82
C TYR A 174 -9.22 -13.38 -3.77
N PHE A 175 -9.75 -12.93 -2.63
CA PHE A 175 -9.93 -13.80 -1.48
C PHE A 175 -11.12 -13.38 -0.64
N ASP A 176 -12.02 -14.29 -0.31
CA ASP A 176 -13.13 -13.98 0.62
C ASP A 176 -12.64 -14.25 2.02
N ASP A 177 -12.57 -13.25 2.89
CA ASP A 177 -11.95 -13.56 4.18
C ASP A 177 -12.96 -14.11 5.21
N LYS A 178 -14.18 -14.38 4.78
CA LYS A 178 -15.23 -15.04 5.55
C LYS A 178 -15.15 -16.56 5.39
N THR A 179 -15.06 -16.96 4.13
CA THR A 179 -14.97 -18.34 3.70
C THR A 179 -13.50 -18.75 3.56
N GLU A 180 -12.62 -17.76 3.49
CA GLU A 180 -11.18 -17.96 3.32
C GLU A 180 -10.92 -18.81 2.06
N GLN A 181 -11.47 -18.42 0.93
CA GLN A 181 -11.30 -19.04 -0.37
C GLN A 181 -10.95 -18.05 -1.47
N PRO A 182 -10.03 -18.40 -2.35
CA PRO A 182 -9.70 -17.45 -3.42
C PRO A 182 -10.94 -17.31 -4.29
N GLY A 183 -11.05 -16.25 -5.05
CA GLY A 183 -12.15 -16.00 -5.94
C GLY A 183 -11.71 -15.77 -7.38
N LEU A 184 -10.52 -16.23 -7.77
CA LEU A 184 -10.03 -15.92 -9.11
C LEU A 184 -10.90 -16.47 -10.22
N ASP A 185 -11.59 -17.58 -9.98
CA ASP A 185 -12.36 -18.13 -11.10
C ASP A 185 -13.83 -17.77 -10.95
N LYS A 186 -14.14 -16.77 -10.11
CA LYS A 186 -15.55 -16.35 -10.11
C LYS A 186 -15.80 -15.48 -11.34
N PRO A 187 -16.96 -15.62 -11.96
CA PRO A 187 -17.24 -14.82 -13.15
C PRO A 187 -17.07 -13.32 -12.87
N GLU A 188 -17.44 -12.87 -11.68
CA GLU A 188 -17.37 -11.43 -11.41
C GLU A 188 -15.90 -10.99 -11.34
N THR A 189 -15.02 -11.87 -10.86
CA THR A 189 -13.60 -11.60 -10.84
C THR A 189 -12.98 -11.63 -12.23
N ILE A 190 -13.44 -12.63 -12.97
CA ILE A 190 -13.01 -12.70 -14.37
C ILE A 190 -13.43 -11.46 -15.12
N GLU A 191 -14.64 -10.99 -14.81
CA GLU A 191 -15.15 -9.78 -15.48
C GLU A 191 -14.28 -8.56 -15.19
N GLY A 192 -13.86 -8.48 -13.92
CA GLY A 192 -12.99 -7.39 -13.51
C GLY A 192 -11.64 -7.45 -14.21
N PHE A 193 -11.00 -8.62 -14.27
CA PHE A 193 -9.70 -8.66 -14.97
C PHE A 193 -9.85 -8.31 -16.45
N LYS A 194 -10.88 -8.85 -17.10
CA LYS A 194 -11.04 -8.52 -18.52
C LYS A 194 -11.22 -7.02 -18.71
N PHE A 195 -11.97 -6.43 -17.75
CA PHE A 195 -12.21 -4.99 -17.85
C PHE A 195 -10.88 -4.23 -17.81
N PHE A 196 -9.99 -4.60 -16.91
CA PHE A 196 -8.71 -3.89 -16.87
C PHE A 196 -8.01 -3.97 -18.21
N PHE A 197 -7.87 -5.19 -18.75
CA PHE A 197 -7.03 -5.27 -19.97
C PHE A 197 -7.78 -4.89 -21.22
N THR A 198 -9.11 -4.84 -21.17
CA THR A 198 -9.84 -4.34 -22.34
C THR A 198 -10.05 -2.84 -22.34
N GLU A 199 -10.32 -2.23 -21.20
CA GLU A 199 -10.73 -0.84 -21.08
C GLU A 199 -9.66 0.12 -20.61
N ILE A 200 -8.65 -0.40 -19.90
CA ILE A 200 -7.65 0.52 -19.35
C ILE A 200 -6.25 0.28 -19.89
N TRP A 201 -5.80 -0.95 -19.93
CA TRP A 201 -4.50 -1.28 -20.56
C TRP A 201 -4.28 -0.67 -21.94
N PRO A 202 -5.24 -0.65 -22.86
CA PRO A 202 -4.94 -0.06 -24.16
C PRO A 202 -4.50 1.39 -24.10
N TYR A 203 -4.68 2.10 -23.00
CA TYR A 203 -4.26 3.49 -22.95
C TYR A 203 -2.93 3.68 -22.24
N MET A 204 -2.32 2.56 -21.86
CA MET A 204 -1.06 2.61 -21.15
C MET A 204 0.18 2.40 -22.02
N ALA A 205 1.33 2.90 -21.60
CA ALA A 205 2.59 2.36 -22.13
C ALA A 205 2.58 0.89 -21.73
N PRO A 206 2.83 -0.02 -22.68
CA PRO A 206 2.61 -1.41 -22.33
C PRO A 206 3.74 -2.04 -21.53
N THR A 207 3.83 -1.65 -20.27
CA THR A 207 4.75 -2.23 -19.31
C THR A 207 4.09 -2.24 -17.93
N GLY A 208 4.29 -3.27 -17.12
CA GLY A 208 3.71 -3.23 -15.77
C GLY A 208 4.69 -2.69 -14.75
N ASP A 209 5.90 -2.32 -15.18
CA ASP A 209 6.95 -1.98 -14.21
C ASP A 209 6.66 -0.72 -13.42
N TYR A 210 6.92 -0.80 -12.11
CA TYR A 210 6.56 0.32 -11.24
C TYR A 210 7.28 1.59 -11.64
N ASN A 211 8.62 1.63 -11.65
CA ASN A 211 9.19 2.98 -11.83
C ASN A 211 8.98 3.47 -13.26
N THR A 212 8.85 2.59 -14.26
CA THR A 212 8.59 3.09 -15.62
C THR A 212 7.23 3.75 -15.69
N GLN A 213 6.22 3.09 -15.12
CA GLN A 213 4.89 3.72 -15.11
C GLN A 213 4.93 5.03 -14.35
N GLN A 214 5.48 5.02 -13.14
CA GLN A 214 5.53 6.25 -12.36
C GLN A 214 6.27 7.36 -13.09
N SER A 215 7.37 7.00 -13.76
CA SER A 215 8.13 8.08 -14.39
C SER A 215 7.35 8.73 -15.53
N ILE A 216 6.53 7.94 -16.21
CA ILE A 216 5.66 8.51 -17.24
C ILE A 216 4.85 9.65 -16.64
N PHE A 217 4.30 9.47 -15.45
CA PHE A 217 3.47 10.52 -14.86
C PHE A 217 4.33 11.68 -14.41
N LEU A 218 5.45 11.35 -13.77
CA LEU A 218 6.30 12.40 -13.23
C LEU A 218 6.85 13.30 -14.34
N GLU A 219 6.95 12.74 -15.54
CA GLU A 219 7.54 13.48 -16.64
C GLU A 219 6.45 14.19 -17.43
N GLY A 220 5.21 14.12 -16.92
CA GLY A 220 4.11 14.84 -17.51
C GLY A 220 3.62 14.16 -18.77
N ARG A 221 3.93 12.86 -18.88
CA ARG A 221 3.54 12.20 -20.13
C ARG A 221 2.28 11.38 -19.97
N ALA A 222 1.64 11.55 -18.81
CA ALA A 222 0.31 11.01 -18.58
C ALA A 222 -0.40 11.95 -17.59
N PRO A 223 -1.69 12.16 -17.80
CA PRO A 223 -2.47 13.08 -16.97
C PRO A 223 -2.85 12.52 -15.61
N MET A 224 -2.81 11.20 -15.45
CA MET A 224 -3.19 10.57 -14.20
C MET A 224 -2.27 9.39 -13.88
N MET A 225 -2.09 9.15 -12.58
CA MET A 225 -1.40 7.97 -12.10
C MET A 225 -2.20 7.27 -11.00
N VAL A 226 -2.25 5.94 -11.03
CA VAL A 226 -2.82 5.18 -9.92
C VAL A 226 -1.67 4.79 -8.99
N ASN A 227 -1.65 5.36 -7.80
CA ASN A 227 -0.55 5.06 -6.88
C ASN A 227 -0.94 5.44 -5.46
N GLY A 228 -0.13 5.20 -4.45
CA GLY A 228 -0.42 5.44 -3.06
C GLY A 228 0.37 6.58 -2.47
N PRO A 229 0.15 6.83 -1.19
CA PRO A 229 0.84 7.91 -0.45
C PRO A 229 2.35 7.80 -0.51
N TRP A 230 2.84 6.55 -0.60
CA TRP A 230 4.29 6.33 -0.65
C TRP A 230 4.90 7.02 -1.87
N SER A 231 4.12 7.38 -2.89
CA SER A 231 4.70 7.98 -4.09
C SER A 231 4.63 9.50 -4.10
N ILE A 232 3.98 10.06 -3.08
CA ILE A 232 3.59 11.48 -3.21
C ILE A 232 4.79 12.40 -3.15
N ASN A 233 5.83 12.07 -2.36
CA ASN A 233 6.96 13.03 -2.38
C ASN A 233 7.69 13.04 -3.73
N ASP A 234 7.50 11.96 -4.50
CA ASP A 234 8.08 11.88 -5.83
C ASP A 234 7.33 12.84 -6.74
N VAL A 235 6.00 12.79 -6.62
CA VAL A 235 5.16 13.76 -7.35
C VAL A 235 5.60 15.16 -6.97
N LYS A 236 5.85 15.40 -5.68
CA LYS A 236 6.14 16.79 -5.31
C LYS A 236 7.53 17.20 -5.82
N LYS A 237 8.48 16.28 -5.70
CA LYS A 237 9.82 16.56 -6.22
C LYS A 237 9.82 16.83 -7.71
N ALA A 238 8.84 16.28 -8.44
CA ALA A 238 8.79 16.55 -9.88
C ALA A 238 8.11 17.87 -10.20
N GLY A 239 7.63 18.55 -9.17
CA GLY A 239 7.03 19.85 -9.41
C GLY A 239 5.62 19.78 -9.94
N ILE A 240 4.93 18.66 -9.75
CA ILE A 240 3.59 18.56 -10.32
C ILE A 240 2.52 19.10 -9.36
N ASN A 241 1.61 19.90 -9.88
CA ASN A 241 0.46 20.35 -9.10
C ASN A 241 -0.65 19.31 -9.26
N PHE A 242 -0.93 18.59 -8.17
CA PHE A 242 -1.84 17.46 -8.29
C PHE A 242 -3.03 17.48 -7.34
N GLY A 243 -3.95 16.56 -7.60
CA GLY A 243 -5.00 16.24 -6.67
C GLY A 243 -5.15 14.73 -6.55
N VAL A 244 -6.02 14.26 -5.67
CA VAL A 244 -6.21 12.82 -5.46
C VAL A 244 -7.69 12.52 -5.38
N VAL A 245 -8.21 11.58 -6.14
CA VAL A 245 -9.58 11.13 -6.05
C VAL A 245 -9.65 9.60 -6.14
N PRO A 246 -10.69 8.95 -5.67
CA PRO A 246 -10.80 7.50 -5.83
C PRO A 246 -10.99 7.13 -7.30
N LEU A 247 -10.60 5.90 -7.60
CA LEU A 247 -11.00 5.33 -8.88
C LEU A 247 -12.52 5.40 -8.97
N PRO A 248 -13.06 6.00 -10.00
CA PRO A 248 -14.51 6.23 -10.03
C PRO A 248 -15.27 4.98 -10.43
N PRO A 249 -16.57 5.01 -10.11
CA PRO A 249 -17.45 3.88 -10.38
C PRO A 249 -17.61 3.66 -11.88
N ILE A 250 -17.61 2.40 -12.25
CA ILE A 250 -17.94 1.99 -13.63
C ILE A 250 -19.46 1.93 -13.77
N ILE A 251 -20.02 2.51 -14.82
CA ILE A 251 -21.48 2.49 -14.90
C ILE A 251 -21.97 1.44 -15.89
N LYS A 252 -22.96 0.69 -15.41
CA LYS A 252 -23.63 -0.37 -16.13
C LYS A 252 -25.14 -0.26 -15.93
N ASP A 253 -25.82 -0.02 -17.04
CA ASP A 253 -27.21 0.30 -17.15
C ASP A 253 -27.68 1.20 -16.01
N GLY A 254 -27.01 2.33 -15.83
CA GLY A 254 -27.39 3.30 -14.80
C GLY A 254 -26.96 2.89 -13.40
N LYS A 255 -26.25 1.78 -13.27
CA LYS A 255 -25.80 1.27 -12.00
C LYS A 255 -24.33 1.55 -11.72
N GLU A 256 -23.95 1.84 -10.48
CA GLU A 256 -22.53 2.04 -10.18
C GLU A 256 -21.88 0.74 -9.73
N TYR A 257 -20.68 0.50 -10.23
CA TYR A 257 -19.82 -0.60 -9.82
C TYR A 257 -18.49 0.01 -9.37
N TRP A 258 -18.34 0.19 -8.06
CA TRP A 258 -17.17 0.85 -7.50
C TRP A 258 -15.94 -0.06 -7.51
N PRO A 259 -14.88 0.43 -8.11
CA PRO A 259 -13.59 -0.27 -7.91
C PRO A 259 -13.33 -0.40 -6.41
N ARG A 260 -12.75 -1.52 -6.01
CA ARG A 260 -12.49 -1.84 -4.61
C ARG A 260 -11.03 -2.24 -4.40
N PRO A 261 -10.13 -1.27 -4.32
CA PRO A 261 -8.73 -1.62 -4.15
C PRO A 261 -8.52 -2.26 -2.79
N TYR A 262 -7.52 -3.13 -2.76
CA TYR A 262 -7.01 -3.50 -1.45
C TYR A 262 -6.34 -2.29 -0.79
N GLY A 263 -6.37 -2.23 0.52
CA GLY A 263 -5.71 -1.15 1.25
C GLY A 263 -5.10 -1.72 2.52
N GLY A 264 -4.37 -0.90 3.29
CA GLY A 264 -3.81 -1.52 4.48
C GLY A 264 -3.44 -0.50 5.54
N VAL A 265 -2.91 -1.05 6.64
CA VAL A 265 -2.45 -0.20 7.71
C VAL A 265 -0.93 -0.29 7.72
N LYS A 266 -0.23 0.83 7.67
CA LYS A 266 1.24 0.75 7.75
C LYS A 266 1.69 0.51 9.19
N LEU A 267 2.59 -0.46 9.33
CA LEU A 267 3.08 -0.89 10.63
C LEU A 267 4.59 -0.70 10.74
N ILE A 268 5.06 -0.38 11.92
CA ILE A 268 6.48 -0.58 12.22
C ILE A 268 6.52 -1.86 13.07
N TYR A 269 7.15 -2.90 12.53
CA TYR A 269 7.14 -4.22 13.13
C TYR A 269 8.37 -4.44 14.03
N PHE A 270 8.21 -5.26 15.06
CA PHE A 270 9.34 -5.59 15.92
C PHE A 270 9.87 -6.96 15.52
N ALA A 271 11.14 -7.08 15.13
CA ALA A 271 11.64 -8.37 14.63
C ALA A 271 12.19 -9.31 15.70
N ALA A 272 11.91 -10.60 15.50
CA ALA A 272 12.57 -11.61 16.36
C ALA A 272 14.07 -11.40 16.29
N GLY A 273 14.77 -11.65 17.40
CA GLY A 273 16.21 -11.41 17.36
C GLY A 273 16.53 -9.95 17.56
N ILE A 274 15.54 -9.12 17.85
CA ILE A 274 15.80 -7.69 18.04
C ILE A 274 16.86 -7.47 19.11
N LYS A 275 17.79 -6.55 18.89
CA LYS A 275 18.88 -6.40 19.84
C LYS A 275 18.65 -5.28 20.84
N ASN A 276 17.89 -4.26 20.48
CA ASN A 276 17.75 -3.08 21.33
C ASN A 276 16.28 -2.79 21.60
N LYS A 277 15.62 -3.67 22.34
CA LYS A 277 14.16 -3.64 22.40
C LYS A 277 13.61 -2.33 22.99
N ASP A 278 14.05 -1.95 24.19
CA ASP A 278 13.49 -0.75 24.81
C ASP A 278 13.78 0.50 24.00
N ALA A 279 15.00 0.61 23.46
CA ALA A 279 15.27 1.79 22.65
C ALA A 279 14.35 1.79 21.42
N ALA A 280 14.13 0.59 20.89
CA ALA A 280 13.37 0.55 19.63
C ALA A 280 11.89 0.83 19.89
N TRP A 281 11.43 0.37 21.04
CA TRP A 281 10.06 0.68 21.46
C TRP A 281 9.82 2.18 21.57
N LYS A 282 10.72 2.86 22.28
CA LYS A 282 10.63 4.31 22.49
C LYS A 282 10.60 5.08 21.18
N PHE A 283 11.47 4.70 20.24
CA PHE A 283 11.41 5.35 18.94
C PHE A 283 10.09 5.08 18.21
N ALA A 284 9.61 3.84 18.23
CA ALA A 284 8.40 3.47 17.51
C ALA A 284 7.17 4.15 18.12
N LYS A 285 7.18 4.18 19.45
CA LYS A 285 6.08 4.79 20.19
C LYS A 285 6.00 6.28 19.86
N TRP A 286 7.20 6.89 19.77
CA TRP A 286 7.30 8.28 19.39
C TRP A 286 6.78 8.46 17.96
N LEU A 287 7.26 7.62 17.04
CA LEU A 287 6.93 7.77 15.62
C LEU A 287 5.43 7.63 15.41
N THR A 288 4.81 6.80 16.25
CA THR A 288 3.42 6.46 15.98
C THR A 288 2.46 7.20 16.90
N THR A 289 2.92 7.75 18.02
CA THR A 289 1.93 8.41 18.89
C THR A 289 2.25 9.88 19.17
N SER A 290 3.28 10.43 18.57
CA SER A 290 3.57 11.86 18.64
C SER A 290 2.84 12.60 17.54
N GLU A 291 2.18 13.70 17.92
CA GLU A 291 1.31 14.36 16.96
C GLU A 291 2.09 14.88 15.76
N GLU A 292 3.29 15.39 16.07
CA GLU A 292 3.97 16.08 14.98
C GLU A 292 4.62 15.06 14.05
N SER A 293 4.92 13.91 14.63
CA SER A 293 5.44 12.86 13.75
C SER A 293 4.33 12.49 12.78
N ILE A 294 3.19 12.07 13.35
CA ILE A 294 2.11 11.66 12.45
C ILE A 294 1.68 12.79 11.54
N LYS A 295 1.57 14.01 12.05
CA LYS A 295 1.19 15.13 11.18
C LYS A 295 2.17 15.27 10.03
N THR A 296 3.46 15.02 10.31
CA THR A 296 4.46 15.13 9.25
C THR A 296 4.27 14.05 8.18
N LEU A 297 4.05 12.80 8.59
CA LEU A 297 3.83 11.78 7.56
C LEU A 297 2.62 12.11 6.72
N ALA A 298 1.55 12.55 7.40
CA ALA A 298 0.31 12.83 6.66
C ALA A 298 0.41 14.04 5.74
N LEU A 299 1.03 15.14 6.20
CA LEU A 299 1.02 16.34 5.37
C LEU A 299 2.06 16.23 4.27
N GLU A 300 3.13 15.47 4.55
CA GLU A 300 4.14 15.40 3.49
C GLU A 300 3.78 14.39 2.42
N LEU A 301 3.19 13.26 2.84
CA LEU A 301 2.98 12.14 1.93
C LEU A 301 1.52 11.82 1.66
N GLY A 302 0.56 12.36 2.40
CA GLY A 302 -0.84 11.99 2.17
C GLY A 302 -1.25 10.77 2.96
N TYR A 303 -0.39 10.26 3.84
CA TYR A 303 -0.80 9.13 4.66
C TYR A 303 -2.00 9.50 5.53
N ILE A 304 -2.99 8.63 5.63
CA ILE A 304 -4.11 8.94 6.53
C ILE A 304 -3.79 8.55 7.95
N PRO A 305 -3.84 9.50 8.88
CA PRO A 305 -3.55 9.16 10.26
C PRO A 305 -4.48 8.08 10.79
N VAL A 306 -3.92 7.21 11.63
CA VAL A 306 -4.73 6.28 12.40
C VAL A 306 -4.59 6.67 13.88
N LEU A 307 -3.87 7.75 14.14
CA LEU A 307 -3.74 8.34 15.46
C LEU A 307 -4.92 9.32 15.66
N THR A 308 -5.96 8.84 16.33
CA THR A 308 -7.26 9.48 16.37
C THR A 308 -7.17 10.98 16.61
N LYS A 309 -6.47 11.33 17.67
CA LYS A 309 -6.28 12.73 18.05
C LYS A 309 -5.99 13.66 16.89
N VAL A 310 -5.11 13.30 15.95
CA VAL A 310 -4.69 14.25 14.94
C VAL A 310 -5.72 14.43 13.84
N LEU A 311 -6.69 13.53 13.78
CA LEU A 311 -7.77 13.65 12.80
C LEU A 311 -8.60 14.91 13.04
N ASP A 312 -8.51 15.44 14.27
CA ASP A 312 -9.30 16.63 14.61
C ASP A 312 -8.46 17.88 14.47
N ASP A 313 -7.20 17.70 14.05
CA ASP A 313 -6.33 18.84 13.80
C ASP A 313 -6.73 19.54 12.49
N PRO A 314 -6.96 20.84 12.60
CA PRO A 314 -7.38 21.62 11.44
C PRO A 314 -6.39 21.49 10.28
N GLU A 315 -5.10 21.41 10.57
CA GLU A 315 -4.07 21.15 9.57
C GLU A 315 -4.40 19.89 8.76
N ILE A 316 -4.91 18.91 9.49
CA ILE A 316 -5.30 17.66 8.84
C ILE A 316 -6.67 17.76 8.21
N LYS A 317 -7.64 18.32 8.94
CA LYS A 317 -9.00 18.42 8.39
C LYS A 317 -9.12 19.26 7.14
N ASN A 318 -8.21 20.20 6.91
CA ASN A 318 -8.34 21.05 5.73
C ASN A 318 -7.34 20.65 4.66
N ASP A 319 -6.77 19.45 4.74
CA ASP A 319 -5.78 19.04 3.73
C ASP A 319 -6.39 18.24 2.59
N PRO A 320 -6.26 18.68 1.35
CA PRO A 320 -6.85 17.98 0.20
C PRO A 320 -6.32 16.57 -0.04
N VAL A 321 -5.01 16.36 0.06
CA VAL A 321 -4.48 15.03 -0.30
C VAL A 321 -4.92 13.97 0.68
N ILE A 322 -4.89 14.23 1.99
CA ILE A 322 -5.36 13.24 2.94
C ILE A 322 -6.83 12.95 2.76
N TYR A 323 -7.63 13.97 2.50
CA TYR A 323 -9.05 13.77 2.19
C TYR A 323 -9.27 12.85 1.00
N GLY A 324 -8.58 13.11 -0.10
CA GLY A 324 -8.71 12.25 -1.26
C GLY A 324 -8.29 10.82 -0.98
N PHE A 325 -7.17 10.56 -0.30
CA PHE A 325 -6.82 9.15 -0.02
C PHE A 325 -7.87 8.57 0.91
N GLY A 326 -8.40 9.42 1.80
CA GLY A 326 -9.42 8.94 2.74
C GLY A 326 -10.67 8.53 1.98
N GLN A 327 -11.06 9.33 0.98
CA GLN A 327 -12.20 8.93 0.17
C GLN A 327 -11.92 7.61 -0.54
N ALA A 328 -10.67 7.43 -1.01
CA ALA A 328 -10.37 6.17 -1.71
C ALA A 328 -10.42 4.99 -0.74
N VAL A 329 -9.89 5.18 0.46
CA VAL A 329 -9.90 4.09 1.44
C VAL A 329 -11.32 3.67 1.79
N GLN A 330 -12.26 4.60 1.72
CA GLN A 330 -13.65 4.22 2.02
C GLN A 330 -14.14 3.10 1.10
N HIS A 331 -13.70 3.04 -0.16
CA HIS A 331 -14.11 1.95 -1.04
C HIS A 331 -13.16 0.76 -1.03
N ALA A 332 -12.11 0.84 -0.21
CA ALA A 332 -11.10 -0.21 -0.18
C ALA A 332 -11.52 -1.37 0.73
N TYR A 333 -10.95 -2.53 0.45
CA TYR A 333 -10.94 -3.73 1.27
C TYR A 333 -9.64 -3.81 2.06
N LEU A 334 -9.74 -3.95 3.37
CA LEU A 334 -8.56 -4.15 4.21
C LEU A 334 -7.92 -5.50 3.91
N MET A 335 -6.62 -5.54 3.63
CA MET A 335 -5.97 -6.82 3.33
C MET A 335 -6.16 -7.79 4.48
N PRO A 336 -6.44 -9.06 4.22
CA PRO A 336 -6.55 -10.04 5.32
C PRO A 336 -5.22 -10.26 6.00
N LYS A 337 -5.19 -10.67 7.26
CA LYS A 337 -3.92 -11.05 7.88
C LYS A 337 -3.65 -12.54 7.68
N SER A 338 -4.59 -13.32 7.17
CA SER A 338 -4.44 -14.76 7.03
C SER A 338 -3.19 -15.13 6.26
N PRO A 339 -2.36 -16.05 6.72
CA PRO A 339 -1.26 -16.57 5.89
C PRO A 339 -1.71 -17.16 4.57
N LYS A 340 -3.00 -17.50 4.43
CA LYS A 340 -3.50 -18.00 3.15
C LYS A 340 -3.32 -17.00 2.02
N MET A 341 -3.30 -15.71 2.40
CA MET A 341 -3.23 -14.66 1.37
C MET A 341 -1.92 -14.75 0.59
N SER A 342 -0.88 -15.32 1.18
CA SER A 342 0.43 -15.44 0.53
C SER A 342 0.36 -16.12 -0.82
N ALA A 343 -0.28 -17.29 -0.88
CA ALA A 343 -0.45 -17.97 -2.15
C ALA A 343 -1.46 -17.26 -3.06
N VAL A 344 -2.38 -16.51 -2.47
CA VAL A 344 -3.29 -15.75 -3.32
C VAL A 344 -2.51 -14.75 -4.13
N TRP A 345 -1.63 -14.01 -3.44
CA TRP A 345 -0.88 -12.98 -4.17
C TRP A 345 -0.02 -13.65 -5.26
N GLY A 346 0.62 -14.76 -4.91
CA GLY A 346 1.39 -15.51 -5.89
C GLY A 346 0.56 -15.94 -7.08
N GLY A 347 -0.66 -16.41 -6.85
CA GLY A 347 -1.54 -16.87 -7.88
C GLY A 347 -1.96 -15.76 -8.81
N VAL A 348 -2.34 -14.61 -8.22
CA VAL A 348 -2.72 -13.48 -9.05
C VAL A 348 -1.54 -12.90 -9.81
N ASP A 349 -0.37 -12.78 -9.18
CA ASP A 349 0.78 -12.27 -9.95
C ASP A 349 1.18 -13.25 -11.06
N GLY A 350 0.99 -14.55 -10.84
CA GLY A 350 1.25 -15.53 -11.89
C GLY A 350 0.32 -15.39 -13.07
N ALA A 351 -0.96 -15.14 -12.82
CA ALA A 351 -1.92 -14.93 -13.89
C ALA A 351 -1.58 -13.67 -14.69
N ILE A 352 -1.24 -12.61 -13.95
CA ILE A 352 -0.88 -11.37 -14.61
C ILE A 352 0.37 -11.57 -15.46
N ASN A 353 1.33 -12.36 -14.99
CA ASN A 353 2.53 -12.58 -15.79
C ASN A 353 2.14 -13.24 -17.11
N GLU A 354 1.25 -14.23 -17.07
CA GLU A 354 0.85 -14.83 -18.35
C GLU A 354 -0.01 -13.87 -19.16
N ILE A 355 -0.91 -13.11 -18.53
CA ILE A 355 -1.74 -12.22 -19.38
C ILE A 355 -0.85 -11.24 -20.13
N LEU A 356 0.20 -10.75 -19.47
CA LEU A 356 1.09 -9.74 -20.02
C LEU A 356 1.95 -10.30 -21.15
N GLN A 357 2.02 -11.62 -21.27
CA GLN A 357 2.76 -12.14 -22.43
C GLN A 357 2.01 -11.83 -23.71
N ASP A 358 0.72 -11.52 -23.60
CA ASP A 358 -0.13 -11.40 -24.78
C ASP A 358 -1.48 -10.80 -24.38
N PRO A 359 -1.41 -9.57 -23.90
CA PRO A 359 -2.56 -8.99 -23.22
C PRO A 359 -3.72 -8.88 -24.19
N GLN A 360 -3.46 -8.63 -25.47
CA GLN A 360 -4.66 -8.40 -26.29
C GLN A 360 -5.40 -9.70 -26.58
N ASN A 361 -4.71 -10.84 -26.57
CA ASN A 361 -5.34 -12.09 -26.96
C ASN A 361 -5.40 -13.12 -25.84
N ALA A 362 -4.97 -12.75 -24.64
CA ALA A 362 -4.87 -13.82 -23.65
C ALA A 362 -6.25 -14.34 -23.28
N ASP A 363 -6.30 -15.63 -22.93
CA ASP A 363 -7.54 -16.24 -22.44
C ASP A 363 -7.59 -16.05 -20.93
N ILE A 364 -8.10 -14.88 -20.56
CA ILE A 364 -8.01 -14.47 -19.16
C ILE A 364 -8.78 -15.43 -18.27
N GLU A 365 -9.94 -15.87 -18.78
CA GLU A 365 -10.77 -16.79 -18.03
C GLU A 365 -10.04 -18.09 -17.70
N GLY A 366 -9.40 -18.73 -18.69
CA GLY A 366 -8.70 -19.98 -18.50
C GLY A 366 -7.45 -19.82 -17.67
N ILE A 367 -6.74 -18.69 -17.89
CA ILE A 367 -5.58 -18.41 -17.02
C ILE A 367 -6.02 -18.32 -15.56
N LEU A 368 -7.09 -17.54 -15.33
CA LEU A 368 -7.56 -17.33 -13.96
C LEU A 368 -8.00 -18.66 -13.36
N LYS A 369 -8.73 -19.47 -14.13
CA LYS A 369 -9.05 -20.80 -13.63
C LYS A 369 -7.78 -21.57 -13.28
N LYS A 370 -6.77 -21.49 -14.14
CA LYS A 370 -5.53 -22.22 -13.85
C LYS A 370 -4.93 -21.82 -12.50
N TYR A 371 -4.95 -20.52 -12.21
CA TYR A 371 -4.24 -20.00 -11.03
C TYR A 371 -5.07 -20.08 -9.76
N GLN A 372 -6.38 -20.19 -9.95
CA GLN A 372 -7.26 -20.46 -8.84
C GLN A 372 -6.87 -21.78 -8.17
N GLN A 373 -6.61 -22.75 -9.06
CA GLN A 373 -6.29 -24.09 -8.59
C GLN A 373 -4.92 -24.11 -7.93
N GLU A 374 -4.00 -23.32 -8.50
CA GLU A 374 -2.65 -23.34 -7.93
C GLU A 374 -2.68 -22.75 -6.52
N ILE A 375 -3.50 -21.70 -6.38
CA ILE A 375 -3.67 -21.07 -5.07
C ILE A 375 -4.31 -22.10 -4.13
N LEU A 376 -5.36 -22.76 -4.61
CA LEU A 376 -6.02 -23.76 -3.79
C LEU A 376 -5.01 -24.82 -3.35
N ASN A 377 -4.00 -25.08 -4.19
CA ASN A 377 -3.05 -26.09 -3.74
C ASN A 377 -1.96 -25.50 -2.87
N ASN A 378 -1.73 -24.18 -2.94
CA ASN A 378 -0.57 -23.71 -2.18
C ASN A 378 -0.95 -22.99 -0.89
N MET A 379 -2.24 -22.72 -0.74
CA MET A 379 -2.76 -22.01 0.41
C MET A 379 -2.45 -22.69 1.74
N GLN A 380 -1.90 -21.95 2.70
CA GLN A 380 -1.75 -22.52 4.05
C GLN A 380 -1.89 -21.43 5.10
#